data_8QY9
#
_entry.id   8QY9
#
_cell.length_a   137.360
_cell.length_b   55.180
_cell.length_c   81.160
_cell.angle_alpha   90.000
_cell.angle_beta   121.023
_cell.angle_gamma   90.000
#
_symmetry.space_group_name_H-M   'C 1 2 1'
#
loop_
_entity.id
_entity.type
_entity.pdbx_description
1 polymer 'Fab light chain of J22.9-H'
2 polymer 'Fab heavy chain of J22.9-H'
3 polymer 'Tumor necrosis factor receptor superfamily member 17'
4 non-polymer 'COPPER (II) ION'
#
loop_
_entity_poly.entity_id
_entity_poly.type
_entity_poly.pdbx_seq_one_letter_code
_entity_poly.pdbx_strand_id
1 'polypeptide(L)'
;EIVMTQSPATLSVSPGERATLSCKASQSVDSNVAWYQQKPGQAPRALIYSASLRFSGIPARFSGSGSGTEFTLTISSLQS
EDFAVYYCQQYNNYPLTFGAGTKLELKRTVAAPSVFIFPPSDEQLKSGTASVVCLLNNFYPREAKVQWKVDNALQSGNSQ
ESVTEQDSKDSTYSLSSTLTLSKADYEKHKVYACEVTHQGLSSPVTKSFNR
;
L
2 'polypeptide(L)'
;EVQLVESGGGLVQPGGSLRLSCAASGFTFSRYWMSWVRQAPGKGLVWVGEINPDSSTINYAPSLKDKFTISRDNAKNTLY
LQMNSLRAEDTAVYYCASLYYDYGDAMDYWGQGTLVTVSSASTKGPSVFPLAPSSKSTSGGTAALGCLVKDYFPEPVTVS
WNSGALTSGVHTFPAVLQSSGLYSLSSVVTVPSSSLGTQTYICNVNHKPSNTKVDKRVEPA
;
H
3 'polypeptide(L)' QCSANEYFDSLLHACIPCQLRCSSATPPATCAAYC A
#
loop_
_chem_comp.id
_chem_comp.type
_chem_comp.name
_chem_comp.formula
CU non-polymer 'COPPER (II) ION' 'Cu 2'
#
# COMPACT_ATOMS: atom_id res chain seq x y z
N GLU A 1 -20.33 9.00 11.73
CA GLU A 1 -20.15 8.77 10.26
C GLU A 1 -20.86 7.48 9.83
N ILE A 2 -20.91 7.25 8.53
CA ILE A 2 -21.47 6.02 7.97
C ILE A 2 -20.35 5.01 7.80
N VAL A 3 -20.66 3.74 8.06
CA VAL A 3 -19.70 2.66 8.02
C VAL A 3 -19.95 1.84 6.77
N MET A 4 -18.95 1.74 5.90
CA MET A 4 -18.97 0.84 4.76
C MET A 4 -18.12 -0.37 5.10
N THR A 5 -18.73 -1.56 5.09
CA THR A 5 -18.07 -2.79 5.48
C THR A 5 -17.89 -3.66 4.24
N GLN A 6 -16.64 -3.96 3.91
CA GLN A 6 -16.30 -4.73 2.72
C GLN A 6 -15.95 -6.16 3.09
N SER A 7 -16.55 -7.11 2.39
CA SER A 7 -16.32 -8.53 2.61
C SER A 7 -16.29 -9.23 1.26
N PRO A 8 -15.37 -10.20 1.07
CA PRO A 8 -14.34 -10.67 2.00
C PRO A 8 -13.13 -9.73 2.03
N ALA A 9 -12.38 -9.71 3.12
CA ALA A 9 -11.19 -8.87 3.17
C ALA A 9 -10.15 -9.31 2.15
N THR A 10 -10.11 -10.61 1.83
CA THR A 10 -9.18 -11.15 0.86
C THR A 10 -9.88 -12.24 0.06
N LEU A 11 -9.78 -12.14 -1.27
CA LEU A 11 -10.39 -13.11 -2.18
C LEU A 11 -9.29 -13.70 -3.05
N SER A 12 -9.10 -15.02 -2.96
CA SER A 12 -8.15 -15.72 -3.80
C SER A 12 -8.88 -16.24 -5.03
N VAL A 13 -8.33 -15.95 -6.21
CA VAL A 13 -8.98 -16.30 -7.47
C VAL A 13 -7.92 -16.33 -8.55
N SER A 14 -8.21 -17.06 -9.63
CA SER A 14 -7.28 -17.22 -10.74
C SER A 14 -7.78 -16.47 -11.97
N PRO A 15 -6.87 -16.08 -12.88
CA PRO A 15 -7.31 -15.32 -14.06
C PRO A 15 -8.38 -16.07 -14.85
N GLY A 16 -9.35 -15.33 -15.34
CA GLY A 16 -10.45 -15.91 -16.11
C GLY A 16 -11.73 -16.01 -15.31
N GLU A 17 -11.62 -16.43 -14.05
CA GLU A 17 -12.78 -16.55 -13.19
C GLU A 17 -13.35 -15.16 -12.91
N ARG A 18 -14.46 -15.14 -12.19
CA ARG A 18 -15.14 -13.90 -11.81
C ARG A 18 -14.92 -13.63 -10.32
N ALA A 19 -15.26 -12.42 -9.92
CA ALA A 19 -15.13 -11.99 -8.53
C ALA A 19 -16.29 -11.07 -8.19
N THR A 20 -16.96 -11.35 -7.06
CA THR A 20 -18.10 -10.55 -6.60
C THR A 20 -17.80 -10.07 -5.19
N LEU A 21 -17.55 -8.78 -5.05
CA LEU A 21 -17.27 -8.17 -3.76
C LEU A 21 -18.57 -7.67 -3.13
N SER A 22 -18.48 -7.28 -1.87
CA SER A 22 -19.63 -6.76 -1.14
C SER A 22 -19.22 -5.55 -0.30
N CYS A 23 -20.16 -4.63 -0.13
CA CYS A 23 -19.90 -3.38 0.58
C CYS A 23 -21.19 -2.98 1.30
N LYS A 24 -21.31 -3.40 2.55
CA LYS A 24 -22.49 -3.13 3.35
C LYS A 24 -22.36 -1.78 4.05
N ALA A 25 -23.49 -1.06 4.14
CA ALA A 25 -23.51 0.29 4.65
C ALA A 25 -24.27 0.37 5.97
N SER A 26 -23.81 1.25 6.85
CA SER A 26 -24.47 1.45 8.14
C SER A 26 -25.90 1.95 7.97
N GLN A 27 -26.16 2.75 6.93
CA GLN A 27 -27.48 3.32 6.73
C GLN A 27 -27.69 3.55 5.23
N SER A 28 -28.96 3.60 4.84
CA SER A 28 -29.34 3.74 3.44
C SER A 28 -28.67 4.94 2.78
N VAL A 29 -27.73 4.68 1.87
CA VAL A 29 -27.08 5.74 1.11
C VAL A 29 -27.61 5.84 -0.32
N ASP A 30 -28.61 5.04 -0.68
CA ASP A 30 -29.19 5.09 -2.01
C ASP A 30 -28.13 4.84 -3.07
N SER A 31 -28.46 5.11 -4.34
CA SER A 31 -27.55 4.91 -5.46
C SER A 31 -26.50 6.02 -5.47
N ASN A 32 -25.64 5.98 -4.47
CA ASN A 32 -24.55 6.94 -4.33
C ASN A 32 -23.34 6.24 -3.74
N VAL A 33 -22.80 5.27 -4.47
CA VAL A 33 -21.65 4.49 -4.05
C VAL A 33 -20.67 4.41 -5.21
N ALA A 34 -19.40 4.72 -4.94
CA ALA A 34 -18.35 4.63 -5.92
C ALA A 34 -17.45 3.44 -5.62
N TRP A 35 -16.60 3.11 -6.60
CA TRP A 35 -15.66 2.00 -6.47
C TRP A 35 -14.29 2.47 -6.97
N TYR A 36 -13.25 2.08 -6.23
CA TYR A 36 -11.88 2.48 -6.54
C TYR A 36 -10.96 1.27 -6.49
N GLN A 37 -10.00 1.24 -7.41
CA GLN A 37 -8.93 0.26 -7.41
C GLN A 37 -7.62 0.97 -7.12
N GLN A 38 -6.81 0.38 -6.24
CA GLN A 38 -5.49 0.92 -5.93
C GLN A 38 -4.50 -0.24 -5.88
N LYS A 39 -3.35 -0.03 -6.51
CA LYS A 39 -2.27 -1.01 -6.52
C LYS A 39 -1.12 -0.53 -5.66
N PRO A 40 -0.30 -1.44 -5.15
CA PRO A 40 0.81 -1.03 -4.26
C PRO A 40 1.71 0.03 -4.88
N GLY A 41 1.70 1.23 -4.31
CA GLY A 41 2.54 2.31 -4.78
C GLY A 41 1.77 3.39 -5.53
N GLN A 42 0.84 2.98 -6.38
CA GLN A 42 0.08 3.93 -7.18
C GLN A 42 -1.12 4.47 -6.39
N ALA A 43 -1.55 5.67 -6.75
CA ALA A 43 -2.72 6.29 -6.16
C ALA A 43 -3.96 5.47 -6.51
N PRO A 44 -5.11 5.75 -5.90
CA PRO A 44 -6.34 5.05 -6.29
C PRO A 44 -6.73 5.33 -7.73
N ARG A 45 -7.58 4.45 -8.26
CA ARG A 45 -8.06 4.54 -9.64
C ARG A 45 -9.55 4.26 -9.63
N ALA A 46 -10.35 5.24 -10.04
CA ALA A 46 -11.80 5.12 -9.95
C ALA A 46 -12.34 4.13 -10.98
N LEU A 47 -13.45 3.47 -10.63
CA LEU A 47 -14.03 2.44 -11.49
C LEU A 47 -15.51 2.68 -11.73
N ILE A 48 -16.27 2.96 -10.67
CA ILE A 48 -17.70 3.19 -10.74
C ILE A 48 -18.02 4.43 -9.93
N TYR A 49 -18.99 5.21 -10.38
CA TYR A 49 -19.35 6.43 -9.67
C TYR A 49 -20.80 6.48 -9.19
N SER A 50 -21.76 6.08 -10.03
CA SER A 50 -23.15 6.09 -9.58
C SER A 50 -23.64 4.66 -9.33
N ALA A 51 -22.82 3.88 -8.62
CA ALA A 51 -23.16 2.51 -8.24
C ALA A 51 -22.94 1.54 -9.40
N SER A 52 -23.38 1.93 -10.61
CA SER A 52 -23.21 1.10 -11.80
C SER A 52 -22.53 1.82 -12.96
N LEU A 53 -22.47 3.15 -12.96
CA LEU A 53 -21.87 3.88 -14.06
C LEU A 53 -20.35 3.86 -13.92
N ARG A 54 -19.68 3.35 -14.94
CA ARG A 54 -18.23 3.23 -14.91
C ARG A 54 -17.59 4.55 -15.30
N PHE A 55 -16.27 4.62 -15.13
CA PHE A 55 -15.49 5.76 -15.55
C PHE A 55 -15.01 5.55 -16.99
N SER A 56 -14.23 6.50 -17.49
CA SER A 56 -13.65 6.39 -18.81
C SER A 56 -12.45 5.44 -18.78
N GLY A 57 -12.27 4.71 -19.87
CA GLY A 57 -11.17 3.77 -19.96
C GLY A 57 -11.31 2.54 -19.08
N ILE A 58 -12.46 2.35 -18.44
CA ILE A 58 -12.69 1.21 -17.56
C ILE A 58 -13.31 0.09 -18.40
N PRO A 59 -12.67 -1.09 -18.46
CA PRO A 59 -13.25 -2.18 -19.25
C PRO A 59 -14.67 -2.51 -18.82
N ALA A 60 -15.37 -3.26 -19.67
CA ALA A 60 -16.73 -3.66 -19.39
C ALA A 60 -16.82 -4.82 -18.39
N ARG A 61 -15.74 -5.58 -18.22
CA ARG A 61 -15.75 -6.66 -17.24
C ARG A 61 -16.05 -6.14 -15.83
N PHE A 62 -15.67 -4.89 -15.56
CA PHE A 62 -15.99 -4.28 -14.27
C PHE A 62 -17.46 -3.87 -14.26
N SER A 63 -18.21 -4.41 -13.31
CA SER A 63 -19.65 -4.17 -13.22
C SER A 63 -20.02 -3.88 -11.78
N GLY A 64 -20.56 -2.69 -11.53
CA GLY A 64 -21.05 -2.31 -10.22
C GLY A 64 -22.56 -2.40 -10.18
N SER A 65 -23.10 -2.59 -8.98
CA SER A 65 -24.53 -2.74 -8.80
C SER A 65 -24.83 -2.63 -7.31
N GLY A 66 -26.12 -2.68 -6.99
CA GLY A 66 -26.59 -2.55 -5.62
C GLY A 66 -27.11 -1.16 -5.33
N SER A 67 -28.10 -1.08 -4.45
N SER A 67 -28.10 -1.09 -4.45
CA SER A 67 -28.71 0.18 -4.07
CA SER A 67 -28.70 0.18 -4.06
C SER A 67 -29.14 0.12 -2.62
C SER A 67 -29.12 0.11 -2.61
N GLY A 68 -29.09 1.26 -1.94
CA GLY A 68 -29.48 1.33 -0.54
C GLY A 68 -28.33 1.07 0.40
N THR A 69 -28.21 -0.17 0.87
CA THR A 69 -27.18 -0.55 1.83
C THR A 69 -26.34 -1.75 1.41
N GLU A 70 -26.80 -2.58 0.48
CA GLU A 70 -26.04 -3.74 0.01
C GLU A 70 -25.54 -3.45 -1.40
N PHE A 71 -24.21 -3.36 -1.55
CA PHE A 71 -23.58 -3.05 -2.82
C PHE A 71 -22.55 -4.11 -3.16
N THR A 72 -22.29 -4.28 -4.46
CA THR A 72 -21.35 -5.28 -4.93
C THR A 72 -20.64 -4.79 -6.18
N LEU A 73 -19.54 -5.46 -6.51
CA LEU A 73 -18.74 -5.15 -7.69
C LEU A 73 -18.31 -6.46 -8.32
N THR A 74 -18.77 -6.71 -9.56
CA THR A 74 -18.49 -7.95 -10.26
C THR A 74 -17.41 -7.72 -11.31
N ILE A 75 -16.48 -8.67 -11.41
CA ILE A 75 -15.38 -8.62 -12.36
C ILE A 75 -15.50 -9.89 -13.20
N SER A 76 -16.22 -9.79 -14.32
CA SER A 76 -16.64 -10.98 -15.05
C SER A 76 -15.48 -11.92 -15.36
N SER A 77 -14.33 -11.37 -15.72
CA SER A 77 -13.16 -12.18 -16.02
C SER A 77 -11.91 -11.41 -15.62
N LEU A 78 -11.07 -12.04 -14.80
CA LEU A 78 -9.91 -11.38 -14.22
C LEU A 78 -8.72 -11.48 -15.16
N GLN A 79 -8.12 -10.34 -15.46
CA GLN A 79 -6.83 -10.28 -16.14
C GLN A 79 -5.72 -10.14 -15.12
N SER A 80 -4.48 -10.30 -15.60
CA SER A 80 -3.33 -10.09 -14.72
C SER A 80 -3.36 -8.71 -14.08
N GLU A 81 -3.71 -7.68 -14.87
CA GLU A 81 -3.67 -6.30 -14.42
C GLU A 81 -4.79 -5.94 -13.44
N ASP A 82 -5.71 -6.85 -13.15
CA ASP A 82 -6.86 -6.55 -12.32
C ASP A 82 -6.73 -7.10 -10.91
N PHE A 83 -5.58 -7.67 -10.55
CA PHE A 83 -5.36 -8.22 -9.22
C PHE A 83 -4.76 -7.11 -8.35
N ALA A 84 -5.61 -6.46 -7.56
CA ALA A 84 -5.20 -5.38 -6.68
C ALA A 84 -6.29 -5.17 -5.63
N VAL A 85 -6.15 -4.12 -4.83
CA VAL A 85 -7.12 -3.81 -3.80
C VAL A 85 -8.34 -3.13 -4.44
N TYR A 86 -9.49 -3.30 -3.79
CA TYR A 86 -10.74 -2.68 -4.25
C TYR A 86 -11.45 -2.07 -3.06
N TYR A 87 -11.64 -0.77 -3.07
CA TYR A 87 -12.35 -0.05 -2.04
C TYR A 87 -13.73 0.36 -2.54
N CYS A 88 -14.61 0.68 -1.59
CA CYS A 88 -15.90 1.28 -1.89
C CYS A 88 -16.03 2.56 -1.09
N GLN A 89 -16.95 3.42 -1.55
CA GLN A 89 -17.12 4.74 -0.96
C GLN A 89 -18.59 5.12 -1.07
N GLN A 90 -19.07 5.88 -0.09
CA GLN A 90 -20.41 6.43 -0.12
C GLN A 90 -20.31 7.95 -0.19
N TYR A 91 -21.23 8.57 -0.92
CA TYR A 91 -21.31 10.03 -0.97
C TYR A 91 -22.77 10.46 -0.96
N ASN A 92 -23.53 9.92 -0.01
CA ASN A 92 -24.88 10.38 0.28
C ASN A 92 -24.94 11.21 1.54
N ASN A 93 -23.84 11.35 2.28
CA ASN A 93 -23.80 12.12 3.51
C ASN A 93 -22.37 12.38 3.94
N TYR A 94 -21.97 13.65 3.97
CA TYR A 94 -20.63 13.97 4.44
C TYR A 94 -20.45 13.51 5.88
N PRO A 95 -19.26 13.04 6.27
CA PRO A 95 -18.04 12.90 5.47
C PRO A 95 -18.08 11.68 4.56
N LEU A 96 -17.47 11.75 3.38
CA LEU A 96 -17.41 10.61 2.48
C LEU A 96 -16.55 9.52 3.11
N THR A 97 -17.17 8.39 3.44
CA THR A 97 -16.52 7.31 4.17
C THR A 97 -16.19 6.17 3.21
N PHE A 98 -14.95 5.68 3.30
CA PHE A 98 -14.46 4.64 2.41
C PHE A 98 -14.78 3.25 2.96
N GLY A 99 -14.45 2.23 2.17
CA GLY A 99 -14.59 0.86 2.60
C GLY A 99 -13.32 0.35 3.27
N ALA A 100 -13.44 -0.85 3.86
CA ALA A 100 -12.30 -1.43 4.56
C ALA A 100 -11.25 -1.93 3.59
N GLY A 101 -11.67 -2.66 2.55
CA GLY A 101 -10.77 -3.13 1.54
C GLY A 101 -10.91 -4.61 1.21
N THR A 102 -10.89 -4.93 -0.08
CA THR A 102 -10.95 -6.31 -0.56
C THR A 102 -9.79 -6.48 -1.53
N LYS A 103 -8.73 -7.17 -1.10
CA LYS A 103 -7.55 -7.37 -1.92
C LYS A 103 -7.64 -8.73 -2.60
N LEU A 104 -7.45 -8.74 -3.91
CA LEU A 104 -7.42 -9.97 -4.68
C LEU A 104 -5.99 -10.47 -4.82
N GLU A 105 -5.84 -11.79 -4.84
CA GLU A 105 -4.57 -12.44 -5.10
C GLU A 105 -4.72 -13.39 -6.27
N LEU A 106 -3.63 -13.60 -6.99
CA LEU A 106 -3.63 -14.53 -8.11
C LEU A 106 -3.39 -15.94 -7.56
N LYS A 107 -4.41 -16.78 -7.63
CA LYS A 107 -4.29 -18.16 -7.17
C LYS A 107 -3.55 -18.99 -8.21
N ARG A 108 -2.60 -19.79 -7.75
CA ARG A 108 -1.71 -20.51 -8.64
C ARG A 108 -1.38 -21.87 -8.06
N THR A 109 -0.63 -22.67 -8.82
CA THR A 109 -0.23 -23.99 -8.36
C THR A 109 0.71 -23.87 -7.17
N VAL A 110 0.59 -24.82 -6.23
CA VAL A 110 1.40 -24.77 -5.02
C VAL A 110 2.89 -24.76 -5.38
N ALA A 111 3.70 -24.37 -4.40
CA ALA A 111 5.14 -24.28 -4.59
C ALA A 111 5.80 -24.19 -3.22
N ALA A 112 6.63 -25.19 -2.89
CA ALA A 112 7.28 -25.20 -1.59
C ALA A 112 8.35 -24.11 -1.52
N PRO A 113 8.69 -23.65 -0.32
CA PRO A 113 9.67 -22.58 -0.19
C PRO A 113 11.11 -23.09 -0.22
N SER A 114 12.01 -22.16 -0.52
CA SER A 114 13.45 -22.38 -0.40
C SER A 114 13.92 -21.72 0.88
N VAL A 115 14.41 -22.52 1.82
CA VAL A 115 14.73 -22.04 3.16
C VAL A 115 16.20 -21.65 3.21
N PHE A 116 16.48 -20.55 3.89
CA PHE A 116 17.84 -20.08 4.13
C PHE A 116 17.88 -19.44 5.51
N ILE A 117 19.04 -19.53 6.16
CA ILE A 117 19.25 -18.94 7.48
C ILE A 117 20.60 -18.24 7.48
N PHE A 118 20.62 -17.00 7.95
CA PHE A 118 21.83 -16.17 7.94
C PHE A 118 22.25 -15.85 9.37
N PRO A 119 23.40 -16.34 9.84
CA PRO A 119 23.87 -15.93 11.17
C PRO A 119 24.05 -14.43 11.25
N PRO A 120 24.20 -13.88 12.46
CA PRO A 120 24.31 -12.43 12.58
C PRO A 120 25.65 -11.92 12.08
N SER A 121 25.63 -10.74 11.46
CA SER A 121 26.86 -10.12 11.00
C SER A 121 27.80 -9.86 12.17
N ASP A 122 29.10 -10.06 11.92
CA ASP A 122 30.09 -9.75 12.94
C ASP A 122 30.21 -8.26 13.20
N GLU A 123 29.72 -7.42 12.29
CA GLU A 123 29.68 -5.98 12.54
C GLU A 123 28.46 -5.59 13.37
N GLN A 124 27.36 -6.34 13.25
CA GLN A 124 26.22 -6.10 14.12
C GLN A 124 26.57 -6.41 15.57
N LEU A 125 27.46 -7.38 15.79
CA LEU A 125 27.86 -7.71 17.16
C LEU A 125 28.67 -6.58 17.79
N LYS A 126 29.49 -5.89 17.00
CA LYS A 126 30.24 -4.75 17.52
C LYS A 126 29.30 -3.68 18.05
N SER A 127 28.10 -3.56 17.47
CA SER A 127 27.15 -2.56 17.93
C SER A 127 26.54 -2.97 19.26
N GLY A 128 26.20 -4.25 19.41
CA GLY A 128 25.60 -4.74 20.64
C GLY A 128 24.35 -5.57 20.40
N THR A 129 23.96 -5.73 19.14
CA THR A 129 22.74 -6.41 18.76
C THR A 129 23.06 -7.70 18.00
N ALA A 130 22.04 -8.56 17.90
CA ALA A 130 22.15 -9.83 17.19
C ALA A 130 20.82 -10.13 16.51
N SER A 131 20.88 -10.39 15.20
CA SER A 131 19.68 -10.62 14.40
C SER A 131 19.93 -11.81 13.50
N VAL A 132 19.26 -12.93 13.80
CA VAL A 132 19.33 -14.13 12.97
C VAL A 132 18.16 -14.07 11.98
N VAL A 133 18.47 -14.15 10.70
CA VAL A 133 17.49 -14.04 9.64
C VAL A 133 17.24 -15.42 9.03
N CYS A 134 15.97 -15.72 8.77
CA CYS A 134 15.57 -16.94 8.09
C CYS A 134 14.68 -16.57 6.91
N LEU A 135 15.04 -17.04 5.73
CA LEU A 135 14.40 -16.64 4.48
C LEU A 135 13.61 -17.80 3.87
N LEU A 136 12.40 -17.50 3.40
CA LEU A 136 11.56 -18.45 2.67
C LEU A 136 11.20 -17.80 1.34
N ASN A 137 11.77 -18.30 0.25
CA ASN A 137 11.63 -17.68 -1.06
C ASN A 137 10.72 -18.51 -1.95
N ASN A 138 10.04 -17.81 -2.87
CA ASN A 138 9.21 -18.43 -3.90
C ASN A 138 8.34 -19.54 -3.31
N PHE A 139 7.26 -19.15 -2.64
CA PHE A 139 6.37 -20.13 -2.04
C PHE A 139 4.93 -19.64 -2.18
N TYR A 140 4.03 -20.59 -2.47
CA TYR A 140 2.61 -20.35 -2.56
C TYR A 140 1.94 -21.61 -2.02
N PRO A 141 0.83 -21.48 -1.27
CA PRO A 141 0.12 -20.26 -0.85
C PRO A 141 0.88 -19.39 0.15
N ARG A 142 0.22 -18.34 0.64
CA ARG A 142 0.84 -17.43 1.58
C ARG A 142 1.00 -18.08 2.95
N GLU A 143 0.03 -18.88 3.39
CA GLU A 143 0.06 -19.45 4.72
C GLU A 143 1.34 -20.26 4.93
N ALA A 144 2.12 -19.84 5.93
CA ALA A 144 3.34 -20.54 6.30
C ALA A 144 3.60 -20.31 7.78
N LYS A 145 4.32 -21.24 8.40
CA LYS A 145 4.58 -21.23 9.83
C LYS A 145 6.08 -21.40 10.06
N VAL A 146 6.71 -20.35 10.56
CA VAL A 146 8.15 -20.33 10.82
C VAL A 146 8.37 -20.29 12.32
N GLN A 147 9.31 -21.11 12.79
CA GLN A 147 9.66 -21.18 14.20
C GLN A 147 11.17 -21.12 14.36
N TRP A 148 11.60 -20.70 15.55
CA TRP A 148 13.00 -20.72 15.94
C TRP A 148 13.18 -21.70 17.09
N LYS A 149 14.40 -22.25 17.19
CA LYS A 149 14.70 -23.24 18.23
C LYS A 149 16.16 -23.05 18.64
N VAL A 150 16.37 -22.32 19.74
CA VAL A 150 17.71 -22.11 20.27
C VAL A 150 18.01 -23.31 21.17
N ASP A 151 18.76 -24.28 20.63
CA ASP A 151 19.12 -25.49 21.37
C ASP A 151 17.87 -26.31 21.69
N ASN A 152 17.07 -26.58 20.66
CA ASN A 152 15.81 -27.31 20.78
C ASN A 152 14.79 -26.57 21.64
N ALA A 153 14.97 -25.27 21.84
CA ALA A 153 14.11 -24.47 22.71
C ALA A 153 13.28 -23.53 21.82
N LEU A 154 12.02 -23.90 21.60
CA LEU A 154 11.15 -23.10 20.74
C LEU A 154 10.99 -21.70 21.33
N GLN A 155 11.43 -20.70 20.58
CA GLN A 155 11.34 -19.32 21.01
C GLN A 155 9.94 -18.77 20.78
N SER A 156 9.67 -17.59 21.35
CA SER A 156 8.38 -16.95 21.18
C SER A 156 8.49 -15.47 21.54
N GLY A 157 7.73 -14.65 20.82
CA GLY A 157 7.57 -13.25 21.15
C GLY A 157 8.78 -12.38 20.93
N ASN A 158 9.82 -12.88 20.27
CA ASN A 158 11.01 -12.08 19.98
C ASN A 158 11.45 -12.26 18.53
N SER A 159 10.48 -12.47 17.62
CA SER A 159 10.79 -12.74 16.22
C SER A 159 9.69 -12.15 15.36
N GLN A 160 10.05 -11.19 14.51
CA GLN A 160 9.13 -10.55 13.58
C GLN A 160 9.37 -11.08 12.18
N GLU A 161 8.30 -11.08 11.38
CA GLU A 161 8.37 -11.56 10.00
C GLU A 161 7.57 -10.65 9.09
N SER A 162 8.12 -10.37 7.91
CA SER A 162 7.47 -9.56 6.89
C SER A 162 7.57 -10.26 5.55
N VAL A 163 6.51 -10.12 4.74
CA VAL A 163 6.39 -10.85 3.49
C VAL A 163 6.32 -9.86 2.33
N THR A 164 6.54 -10.38 1.12
CA THR A 164 6.46 -9.60 -0.10
C THR A 164 5.10 -9.77 -0.76
N GLU A 165 4.87 -8.99 -1.81
CA GLU A 165 3.67 -9.12 -2.61
C GLU A 165 3.90 -10.16 -3.71
N GLN A 166 2.81 -10.58 -4.34
CA GLN A 166 2.90 -11.61 -5.37
C GLN A 166 3.79 -11.15 -6.51
N ASP A 167 4.65 -12.05 -6.98
CA ASP A 167 5.60 -11.73 -8.03
C ASP A 167 4.86 -11.37 -9.31
N SER A 168 5.49 -10.53 -10.13
CA SER A 168 4.93 -10.20 -11.44
C SER A 168 4.85 -11.44 -12.32
N LYS A 169 5.81 -12.37 -12.16
CA LYS A 169 5.88 -13.56 -13.00
C LYS A 169 5.38 -14.80 -12.28
N ASP A 170 6.02 -15.16 -11.16
CA ASP A 170 5.63 -16.38 -10.46
C ASP A 170 4.26 -16.26 -9.82
N SER A 171 3.88 -15.07 -9.37
CA SER A 171 2.77 -14.90 -8.45
C SER A 171 3.06 -15.63 -7.14
N THR A 172 4.30 -15.48 -6.66
CA THR A 172 4.79 -16.19 -5.49
C THR A 172 5.18 -15.20 -4.41
N TYR A 173 5.09 -15.65 -3.16
CA TYR A 173 5.44 -14.84 -2.01
C TYR A 173 6.87 -15.15 -1.54
N SER A 174 7.38 -14.29 -0.67
CA SER A 174 8.69 -14.50 -0.06
C SER A 174 8.64 -13.94 1.35
N LEU A 175 8.92 -14.78 2.33
CA LEU A 175 8.85 -14.41 3.74
C LEU A 175 10.24 -14.38 4.35
N SER A 176 10.40 -13.55 5.39
CA SER A 176 11.67 -13.45 6.10
C SER A 176 11.38 -13.15 7.56
N SER A 177 11.85 -14.03 8.44
CA SER A 177 11.74 -13.80 9.88
C SER A 177 13.00 -13.10 10.39
N THR A 178 12.98 -12.73 11.67
CA THR A 178 14.11 -12.03 12.27
C THR A 178 14.07 -12.27 13.78
N LEU A 179 14.83 -13.25 14.24
CA LEU A 179 15.01 -13.47 15.67
C LEU A 179 16.04 -12.46 16.17
N THR A 180 15.56 -11.41 16.85
CA THR A 180 16.44 -10.41 17.42
C THR A 180 16.79 -10.80 18.85
N LEU A 181 18.08 -10.76 19.18
CA LEU A 181 18.56 -11.10 20.51
C LEU A 181 19.66 -10.12 20.90
N SER A 182 20.10 -10.22 22.14
CA SER A 182 21.19 -9.40 22.63
C SER A 182 22.53 -10.02 22.25
N LYS A 183 23.61 -9.33 22.59
CA LYS A 183 24.95 -9.85 22.36
C LYS A 183 25.20 -11.11 23.15
N ALA A 184 25.24 -11.00 24.49
CA ALA A 184 25.57 -12.14 25.32
C ALA A 184 24.53 -13.24 25.23
N ASP A 185 23.25 -12.86 25.16
CA ASP A 185 22.20 -13.88 25.03
C ASP A 185 22.37 -14.69 23.76
N TYR A 186 22.97 -14.10 22.73
CA TYR A 186 23.29 -14.85 21.52
C TYR A 186 24.56 -15.66 21.70
N GLU A 187 25.63 -15.02 22.18
CA GLU A 187 26.89 -15.72 22.40
C GLU A 187 26.76 -16.85 23.42
N LYS A 188 25.71 -16.83 24.23
CA LYS A 188 25.53 -17.87 25.25
C LYS A 188 24.97 -19.16 24.67
N HIS A 189 24.47 -19.15 23.44
CA HIS A 189 23.89 -20.33 22.82
C HIS A 189 24.61 -20.63 21.51
N LYS A 190 24.50 -21.89 21.08
CA LYS A 190 25.28 -22.42 19.98
C LYS A 190 24.43 -22.81 18.78
N VAL A 191 23.35 -23.55 19.00
CA VAL A 191 22.59 -24.17 17.91
C VAL A 191 21.33 -23.35 17.71
N TYR A 192 21.30 -22.57 16.63
CA TYR A 192 20.11 -21.88 16.18
C TYR A 192 19.55 -22.59 14.95
N ALA A 193 18.23 -22.52 14.78
CA ALA A 193 17.57 -23.25 13.70
C ALA A 193 16.30 -22.51 13.31
N CYS A 194 15.75 -22.92 12.17
CA CYS A 194 14.54 -22.30 11.62
C CYS A 194 13.65 -23.42 11.06
N GLU A 195 12.56 -23.72 11.77
CA GLU A 195 11.65 -24.79 11.38
C GLU A 195 10.54 -24.20 10.52
N VAL A 196 10.55 -24.52 9.22
CA VAL A 196 9.58 -24.01 8.27
C VAL A 196 8.55 -25.09 7.97
N THR A 197 7.28 -24.69 7.95
CA THR A 197 6.18 -25.60 7.67
C THR A 197 5.33 -25.02 6.55
N HIS A 198 4.93 -25.87 5.61
CA HIS A 198 4.14 -25.43 4.46
C HIS A 198 3.50 -26.64 3.82
N GLN A 199 2.25 -26.48 3.35
CA GLN A 199 1.56 -27.59 2.73
C GLN A 199 2.30 -28.12 1.51
N GLY A 200 3.12 -27.27 0.88
CA GLY A 200 3.97 -27.74 -0.21
C GLY A 200 5.13 -28.60 0.22
N LEU A 201 5.38 -28.70 1.52
CA LEU A 201 6.46 -29.53 2.05
C LEU A 201 5.88 -30.82 2.62
N SER A 202 6.55 -31.94 2.30
CA SER A 202 6.16 -33.22 2.88
C SER A 202 6.14 -33.15 4.39
N SER A 203 7.25 -32.74 4.99
CA SER A 203 7.37 -32.58 6.43
C SER A 203 8.09 -31.28 6.72
N PRO A 204 7.93 -30.73 7.92
CA PRO A 204 8.60 -29.47 8.26
C PRO A 204 10.10 -29.55 8.04
N VAL A 205 10.61 -28.69 7.17
CA VAL A 205 12.03 -28.64 6.86
C VAL A 205 12.70 -27.63 7.77
N THR A 206 13.89 -27.99 8.25
CA THR A 206 14.67 -27.14 9.15
C THR A 206 16.10 -27.04 8.64
N LYS A 207 16.74 -25.91 8.94
CA LYS A 207 18.15 -25.73 8.65
C LYS A 207 18.77 -24.92 9.78
N SER A 208 19.90 -25.41 10.29
CA SER A 208 20.50 -24.91 11.52
C SER A 208 21.88 -24.31 11.23
N PHE A 209 22.60 -24.02 12.31
CA PHE A 209 23.99 -23.57 12.23
C PHE A 209 24.55 -23.35 13.63
N ASN A 210 25.84 -23.61 13.81
CA ASN A 210 26.53 -23.34 15.06
C ASN A 210 27.07 -21.90 15.06
N ARG A 211 27.65 -21.49 16.18
CA ARG A 211 28.13 -20.12 16.31
C ARG A 211 29.59 -20.02 15.90
N GLU B 1 -0.48 16.57 -21.04
CA GLU B 1 -0.54 15.50 -20.00
C GLU B 1 -1.11 16.05 -18.70
N VAL B 2 -2.22 15.48 -18.26
CA VAL B 2 -2.77 15.81 -16.95
C VAL B 2 -1.76 15.40 -15.89
N GLN B 3 -1.34 16.34 -15.06
CA GLN B 3 -0.35 16.08 -14.03
C GLN B 3 -0.77 16.76 -12.73
N LEU B 4 -0.53 16.06 -11.61
CA LEU B 4 -0.82 16.57 -10.27
C LEU B 4 0.41 16.30 -9.41
N VAL B 5 1.43 17.14 -9.56
CA VAL B 5 2.65 17.02 -8.77
C VAL B 5 2.41 17.64 -7.40
N GLU B 6 2.70 16.88 -6.34
CA GLU B 6 2.49 17.32 -4.97
C GLU B 6 3.84 17.49 -4.29
N SER B 7 4.23 18.73 -4.03
CA SER B 7 5.46 19.03 -3.32
C SER B 7 5.17 19.23 -1.84
N GLY B 8 6.21 19.56 -1.08
CA GLY B 8 6.08 19.73 0.35
C GLY B 8 5.69 18.45 1.05
N GLY B 9 5.81 18.43 2.38
CA GLY B 9 5.47 17.26 3.15
C GLY B 9 6.68 16.42 3.53
N GLY B 10 7.00 16.36 4.83
CA GLY B 10 8.14 15.61 5.30
C GLY B 10 7.95 15.00 6.67
N LEU B 11 8.61 15.57 7.67
CA LEU B 11 8.56 15.06 9.03
C LEU B 11 8.34 16.22 10.00
N VAL B 12 7.53 15.97 11.03
CA VAL B 12 7.17 16.99 12.01
C VAL B 12 6.77 16.30 13.30
N GLN B 13 6.91 17.01 14.41
CA GLN B 13 6.59 16.47 15.73
C GLN B 13 5.15 16.80 16.09
N PRO B 14 4.60 16.14 17.11
CA PRO B 14 3.20 16.38 17.47
C PRO B 14 2.96 17.85 17.81
N GLY B 15 1.94 18.43 17.17
CA GLY B 15 1.56 19.80 17.39
C GLY B 15 2.06 20.77 16.34
N GLY B 16 2.89 20.32 15.40
CA GLY B 16 3.41 21.20 14.38
C GLY B 16 2.44 21.41 13.24
N SER B 17 2.80 22.36 12.37
CA SER B 17 2.01 22.70 11.20
C SER B 17 2.82 22.40 9.94
N LEU B 18 2.12 22.37 8.81
CA LEU B 18 2.75 22.02 7.54
C LEU B 18 1.83 22.33 6.37
N ARG B 19 2.37 22.94 5.32
CA ARG B 19 1.62 23.30 4.13
C ARG B 19 2.03 22.39 2.98
N LEU B 20 1.05 21.91 2.22
CA LEU B 20 1.28 21.03 1.10
C LEU B 20 0.77 21.68 -0.17
N SER B 21 1.52 21.52 -1.26
CA SER B 21 1.15 22.07 -2.56
C SER B 21 0.81 20.93 -3.51
N CYS B 22 -0.22 21.15 -4.33
CA CYS B 22 -0.67 20.18 -5.34
C CYS B 22 -0.78 20.94 -6.67
N ALA B 23 0.34 21.08 -7.36
CA ALA B 23 0.36 21.79 -8.63
C ALA B 23 -0.31 20.94 -9.71
N ALA B 24 -1.16 21.58 -10.50
CA ALA B 24 -1.90 20.92 -11.57
C ALA B 24 -1.55 21.56 -12.90
N SER B 25 -1.15 20.75 -13.86
CA SER B 25 -0.83 21.23 -15.20
C SER B 25 -1.24 20.16 -16.20
N GLY B 26 -2.19 20.51 -17.08
CA GLY B 26 -2.63 19.58 -18.09
C GLY B 26 -4.14 19.55 -18.28
N PHE B 27 -4.89 20.08 -17.32
CA PHE B 27 -6.35 20.13 -17.41
C PHE B 27 -6.86 21.40 -16.76
N THR B 28 -8.12 21.71 -17.02
CA THR B 28 -8.77 22.91 -16.50
C THR B 28 -8.92 22.76 -14.98
N PHE B 29 -7.86 23.13 -14.26
CA PHE B 29 -7.89 23.04 -12.80
C PHE B 29 -8.92 23.99 -12.21
N SER B 30 -9.10 25.16 -12.82
CA SER B 30 -9.95 26.20 -12.26
C SER B 30 -11.43 25.95 -12.47
N ARG B 31 -11.82 24.84 -13.11
CA ARG B 31 -13.21 24.58 -13.43
C ARG B 31 -13.79 23.36 -12.73
N TYR B 32 -12.98 22.58 -12.03
CA TYR B 32 -13.42 21.34 -11.41
C TYR B 32 -13.25 21.40 -9.89
N TRP B 33 -13.96 20.51 -9.20
CA TRP B 33 -13.78 20.34 -7.77
C TRP B 33 -12.45 19.65 -7.50
N MET B 34 -11.89 19.92 -6.31
CA MET B 34 -10.65 19.31 -5.87
C MET B 34 -10.85 18.75 -4.47
N SER B 35 -10.14 17.67 -4.17
CA SER B 35 -10.31 16.97 -2.89
C SER B 35 -8.97 16.44 -2.41
N TRP B 36 -8.89 16.25 -1.09
CA TRP B 36 -7.74 15.64 -0.44
C TRP B 36 -8.16 14.34 0.24
N VAL B 37 -7.24 13.39 0.28
CA VAL B 37 -7.50 12.07 0.86
C VAL B 37 -6.18 11.55 1.42
N ARG B 38 -6.24 10.95 2.61
CA ARG B 38 -5.06 10.38 3.25
C ARG B 38 -5.26 8.88 3.45
N GLN B 39 -4.13 8.19 3.64
CA GLN B 39 -4.13 6.74 3.77
C GLN B 39 -2.96 6.35 4.65
N ALA B 40 -3.24 5.95 5.89
CA ALA B 40 -2.18 5.64 6.83
C ALA B 40 -1.39 4.43 6.34
N PRO B 41 -0.12 4.30 6.79
CA PRO B 41 0.72 3.19 6.31
C PRO B 41 0.03 1.83 6.40
N GLY B 42 -0.16 1.19 5.25
CA GLY B 42 -0.76 -0.13 5.21
C GLY B 42 -2.19 -0.15 5.71
N LYS B 43 -2.96 0.89 5.44
CA LYS B 43 -4.34 0.97 5.89
C LYS B 43 -5.19 1.56 4.78
N GLY B 44 -6.50 1.59 5.01
CA GLY B 44 -7.45 2.04 4.02
C GLY B 44 -7.43 3.55 3.84
N LEU B 45 -8.24 4.00 2.88
CA LEU B 45 -8.34 5.42 2.55
C LEU B 45 -9.17 6.15 3.60
N VAL B 46 -8.97 7.47 3.67
CA VAL B 46 -9.66 8.32 4.63
C VAL B 46 -9.88 9.69 4.01
N TRP B 47 -11.13 9.99 3.66
CA TRP B 47 -11.46 11.29 3.07
C TRP B 47 -11.01 12.42 3.98
N VAL B 48 -10.85 13.60 3.40
CA VAL B 48 -10.46 14.79 4.15
C VAL B 48 -11.43 15.92 3.84
N GLY B 49 -11.37 16.46 2.62
CA GLY B 49 -12.25 17.56 2.28
C GLY B 49 -12.21 17.86 0.79
N GLU B 50 -13.17 18.68 0.36
CA GLU B 50 -13.26 19.16 -1.01
C GLU B 50 -13.40 20.69 -0.98
N ILE B 51 -13.41 21.31 -2.15
CA ILE B 51 -13.45 22.77 -2.26
C ILE B 51 -14.07 23.16 -3.60
N ASN B 52 -14.99 24.13 -3.56
CA ASN B 52 -15.66 24.61 -4.75
C ASN B 52 -14.66 25.22 -5.72
N PRO B 53 -14.99 25.26 -7.03
CA PRO B 53 -14.09 25.95 -7.98
C PRO B 53 -13.63 27.33 -7.54
N ASP B 54 -14.56 28.21 -7.13
CA ASP B 54 -14.22 29.57 -6.75
C ASP B 54 -14.11 29.73 -5.24
N SER B 55 -13.80 28.64 -4.52
CA SER B 55 -13.58 28.70 -3.08
C SER B 55 -14.81 29.23 -2.34
N SER B 56 -15.98 29.07 -2.93
CA SER B 56 -17.22 29.57 -2.36
C SER B 56 -17.93 28.53 -1.50
N THR B 57 -17.36 27.35 -1.32
CA THR B 57 -17.99 26.31 -0.52
C THR B 57 -16.99 25.20 -0.21
N ILE B 58 -16.38 25.26 0.97
CA ILE B 58 -15.39 24.27 1.40
C ILE B 58 -16.08 23.26 2.31
N ASN B 59 -15.67 22.00 2.21
CA ASN B 59 -16.23 20.91 3.00
C ASN B 59 -15.09 20.12 3.61
N TYR B 60 -15.02 20.10 4.94
CA TYR B 60 -13.99 19.37 5.66
C TYR B 60 -14.60 18.09 6.26
N ALA B 61 -13.81 17.39 7.09
CA ALA B 61 -14.27 16.21 7.80
C ALA B 61 -14.31 16.47 9.30
N PRO B 62 -15.35 16.01 10.00
CA PRO B 62 -15.48 16.30 11.43
C PRO B 62 -14.24 15.96 12.24
N SER B 63 -13.78 14.71 12.16
CA SER B 63 -12.65 14.27 12.96
C SER B 63 -11.45 15.19 12.78
N LEU B 64 -11.26 15.70 11.57
CA LEU B 64 -10.15 16.61 11.27
C LEU B 64 -10.60 18.06 11.19
N LYS B 65 -11.82 18.37 11.64
CA LYS B 65 -12.29 19.75 11.65
C LYS B 65 -11.33 20.62 12.44
N ASP B 66 -11.13 21.85 11.96
CA ASP B 66 -10.29 22.84 12.62
C ASP B 66 -8.81 22.48 12.50
N LYS B 67 -8.50 21.31 11.97
CA LYS B 67 -7.13 20.82 11.87
C LYS B 67 -6.50 21.11 10.52
N PHE B 68 -7.27 21.04 9.44
CA PHE B 68 -6.79 21.24 8.08
C PHE B 68 -7.57 22.37 7.42
N THR B 69 -6.86 23.35 6.89
CA THR B 69 -7.45 24.42 6.10
C THR B 69 -7.14 24.17 4.62
N ILE B 70 -8.17 24.28 3.78
CA ILE B 70 -8.03 24.03 2.35
C ILE B 70 -8.19 25.33 1.59
N SER B 71 -7.38 25.52 0.56
CA SER B 71 -7.45 26.69 -0.29
C SER B 71 -6.97 26.30 -1.69
N ARG B 72 -7.13 27.22 -2.63
CA ARG B 72 -6.73 26.98 -4.01
C ARG B 72 -6.45 28.30 -4.69
N ASP B 73 -5.35 28.35 -5.44
CA ASP B 73 -4.96 29.53 -6.22
C ASP B 73 -5.13 29.16 -7.69
N ASN B 74 -6.32 29.41 -8.23
CA ASN B 74 -6.59 29.06 -9.63
C ASN B 74 -5.60 29.73 -10.58
N ALA B 75 -5.12 30.92 -10.22
CA ALA B 75 -4.14 31.60 -11.08
C ALA B 75 -2.92 30.73 -11.30
N LYS B 76 -2.39 30.12 -10.23
CA LYS B 76 -1.26 29.22 -10.33
C LYS B 76 -1.67 27.78 -10.53
N ASN B 77 -2.96 27.52 -10.78
CA ASN B 77 -3.48 26.17 -10.95
C ASN B 77 -2.87 25.21 -9.95
N THR B 78 -3.23 25.35 -8.68
CA THR B 78 -2.63 24.54 -7.63
C THR B 78 -3.53 24.54 -6.42
N LEU B 79 -3.54 23.42 -5.71
CA LEU B 79 -4.40 23.19 -4.55
C LEU B 79 -3.52 23.08 -3.30
N TYR B 80 -3.88 23.82 -2.27
CA TYR B 80 -3.12 23.85 -1.02
C TYR B 80 -3.87 23.10 0.07
N LEU B 81 -3.11 22.64 1.06
CA LEU B 81 -3.66 21.98 2.24
C LEU B 81 -2.82 22.41 3.44
N GLN B 82 -3.37 23.30 4.26
CA GLN B 82 -2.68 23.80 5.45
C GLN B 82 -3.00 22.89 6.63
N MET B 83 -1.97 22.35 7.27
CA MET B 83 -2.11 21.41 8.36
C MET B 83 -1.73 22.08 9.67
N ASN B 84 -2.45 21.76 10.75
CA ASN B 84 -2.27 22.40 12.03
C ASN B 84 -2.40 21.38 13.15
N SER B 85 -1.54 21.51 14.17
CA SER B 85 -1.60 20.69 15.38
C SER B 85 -1.77 19.22 15.03
N LEU B 86 -0.69 18.65 14.53
CA LEU B 86 -0.69 17.29 14.04
C LEU B 86 -0.35 16.31 15.16
N ARG B 87 -0.47 15.01 14.84
CA ARG B 87 -0.17 13.95 15.79
C ARG B 87 0.28 12.72 15.02
N ALA B 88 1.00 11.84 15.71
CA ALA B 88 1.44 10.59 15.10
C ALA B 88 0.26 9.79 14.55
N GLU B 89 -0.93 10.01 15.07
CA GLU B 89 -2.14 9.40 14.51
C GLU B 89 -2.57 10.06 13.21
N ASP B 90 -1.95 11.19 12.84
CA ASP B 90 -2.24 11.84 11.56
C ASP B 90 -1.28 11.43 10.45
N THR B 91 -0.36 10.50 10.72
CA THR B 91 0.61 10.10 9.72
C THR B 91 -0.07 9.30 8.60
N ALA B 92 0.24 9.66 7.36
CA ALA B 92 -0.36 9.01 6.20
C ALA B 92 0.19 9.69 4.94
N VAL B 93 -0.09 9.06 3.79
CA VAL B 93 0.23 9.63 2.50
C VAL B 93 -0.94 10.45 2.01
N TYR B 94 -0.67 11.64 1.48
CA TYR B 94 -1.70 12.60 1.11
C TYR B 94 -1.77 12.73 -0.41
N TYR B 95 -2.89 12.32 -0.99
CA TYR B 95 -3.17 12.49 -2.41
C TYR B 95 -4.08 13.70 -2.61
N CYS B 96 -4.03 14.25 -3.82
CA CYS B 96 -4.95 15.30 -4.24
C CYS B 96 -5.59 14.88 -5.56
N ALA B 97 -6.88 14.54 -5.51
CA ALA B 97 -7.61 14.04 -6.65
C ALA B 97 -8.47 15.14 -7.25
N SER B 98 -9.22 14.78 -8.30
CA SER B 98 -10.17 15.70 -8.93
C SER B 98 -11.11 14.93 -9.83
N LEU B 99 -12.40 14.92 -9.50
CA LEU B 99 -13.41 14.21 -10.25
C LEU B 99 -14.42 15.21 -10.82
N TYR B 100 -14.77 15.02 -12.09
CA TYR B 100 -15.73 15.89 -12.76
C TYR B 100 -16.52 15.05 -13.76
N TYR B 101 -17.29 15.73 -14.62
CA TYR B 101 -18.05 15.06 -15.67
C TYR B 101 -18.17 16.03 -16.85
N ASP B 102 -17.08 16.14 -17.61
CA ASP B 102 -17.05 16.88 -18.85
C ASP B 102 -16.78 15.92 -19.99
N TYR B 103 -17.23 16.28 -21.19
CA TYR B 103 -17.10 15.46 -22.39
C TYR B 103 -18.03 14.26 -22.37
N GLY B 104 -18.97 14.20 -21.42
CA GLY B 104 -19.87 13.08 -21.32
C GLY B 104 -19.29 11.84 -20.68
N ASP B 105 -18.11 11.95 -20.06
CA ASP B 105 -17.47 10.80 -19.42
C ASP B 105 -16.91 11.23 -18.07
N ALA B 106 -17.05 10.34 -17.08
CA ALA B 106 -16.57 10.62 -15.73
C ALA B 106 -15.07 10.42 -15.66
N MET B 107 -14.35 11.45 -15.25
CA MET B 107 -12.89 11.45 -15.18
C MET B 107 -12.42 11.40 -13.73
N ASP B 108 -11.11 11.27 -13.57
CA ASP B 108 -10.49 11.29 -12.25
C ASP B 108 -8.97 11.29 -12.40
N TYR B 109 -8.30 12.20 -11.70
CA TYR B 109 -6.85 12.34 -11.79
C TYR B 109 -6.29 12.48 -10.37
N TRP B 110 -5.35 11.60 -10.03
CA TRP B 110 -4.73 11.58 -8.71
C TRP B 110 -3.27 12.00 -8.81
N GLY B 111 -2.80 12.72 -7.79
CA GLY B 111 -1.41 13.08 -7.72
C GLY B 111 -0.53 11.94 -7.26
N GLN B 112 0.78 12.16 -7.34
CA GLN B 112 1.73 11.16 -6.90
C GLN B 112 1.50 10.76 -5.45
N GLY B 113 1.10 11.71 -4.62
CA GLY B 113 1.01 11.48 -3.19
C GLY B 113 2.33 11.75 -2.49
N THR B 114 2.30 12.58 -1.46
CA THR B 114 3.47 12.89 -0.66
C THR B 114 3.24 12.44 0.78
N LEU B 115 4.29 11.92 1.42
CA LEU B 115 4.17 11.37 2.76
C LEU B 115 4.41 12.45 3.80
N VAL B 116 3.61 12.40 4.87
CA VAL B 116 3.77 13.27 6.04
C VAL B 116 3.79 12.35 7.25
N THR B 117 4.95 12.28 7.92
CA THR B 117 5.13 11.44 9.10
C THR B 117 5.21 12.35 10.33
N VAL B 118 4.32 12.12 11.29
CA VAL B 118 4.27 12.90 12.53
C VAL B 118 4.83 12.02 13.65
N SER B 119 5.86 12.53 14.34
CA SER B 119 6.48 11.80 15.43
C SER B 119 7.58 12.62 16.07
N SER B 120 7.86 12.36 17.35
CA SER B 120 8.92 13.04 18.06
C SER B 120 10.27 12.33 17.92
N ALA B 121 10.29 11.11 17.40
CA ALA B 121 11.54 10.38 17.23
C ALA B 121 12.45 11.09 16.24
N SER B 122 13.65 11.41 16.70
CA SER B 122 14.60 12.14 15.86
C SER B 122 15.01 11.30 14.65
N THR B 123 15.32 11.99 13.55
CA THR B 123 15.75 11.32 12.34
C THR B 123 16.95 10.42 12.62
N LYS B 124 17.08 9.37 11.82
CA LYS B 124 18.23 8.48 11.93
C LYS B 124 18.39 7.72 10.62
N GLY B 125 19.65 7.55 10.20
CA GLY B 125 19.96 6.80 9.02
C GLY B 125 20.15 5.33 9.32
N PRO B 126 19.99 4.48 8.31
CA PRO B 126 20.05 3.03 8.54
C PRO B 126 21.48 2.55 8.76
N SER B 127 21.57 1.38 9.40
CA SER B 127 22.84 0.69 9.63
C SER B 127 22.84 -0.57 8.79
N VAL B 128 23.75 -0.65 7.84
CA VAL B 128 23.80 -1.75 6.88
C VAL B 128 24.69 -2.85 7.42
N PHE B 129 24.24 -4.10 7.28
CA PHE B 129 25.00 -5.26 7.68
C PHE B 129 24.84 -6.34 6.62
N PRO B 130 25.91 -7.03 6.24
CA PRO B 130 25.81 -8.02 5.15
C PRO B 130 25.36 -9.38 5.65
N LEU B 131 24.52 -10.03 4.84
CA LEU B 131 24.09 -11.40 5.09
C LEU B 131 24.92 -12.34 4.23
N ALA B 132 25.63 -13.28 4.89
CA ALA B 132 26.63 -14.07 4.20
C ALA B 132 25.98 -15.22 3.41
N PRO B 133 26.59 -15.61 2.26
CA PRO B 133 26.08 -16.78 1.53
C PRO B 133 26.35 -18.09 2.26
N SER B 134 26.00 -19.21 1.63
CA SER B 134 26.21 -20.53 2.21
C SER B 134 27.66 -20.72 2.63
N GLY B 141 21.18 -26.51 -5.81
CA GLY B 141 22.49 -25.93 -6.04
C GLY B 141 22.45 -24.43 -6.18
N THR B 142 21.46 -23.81 -5.55
CA THR B 142 21.28 -22.36 -5.58
C THR B 142 21.59 -21.79 -4.20
N ALA B 143 22.40 -20.73 -4.16
CA ALA B 143 22.76 -20.05 -2.94
C ALA B 143 22.06 -18.70 -2.87
N ALA B 144 22.05 -18.12 -1.67
CA ALA B 144 21.36 -16.86 -1.42
C ALA B 144 22.12 -16.02 -0.42
N LEU B 145 22.39 -14.77 -0.79
CA LEU B 145 23.01 -13.77 0.06
C LEU B 145 21.97 -12.74 0.47
N GLY B 146 22.42 -11.64 1.08
CA GLY B 146 21.49 -10.63 1.51
C GLY B 146 22.18 -9.36 1.95
N CYS B 147 21.41 -8.52 2.66
CA CYS B 147 21.86 -7.18 3.01
C CYS B 147 20.86 -6.53 3.96
N LEU B 148 21.20 -6.49 5.26
CA LEU B 148 20.27 -6.03 6.29
C LEU B 148 20.31 -4.51 6.45
N VAL B 149 19.15 -3.92 6.63
CA VAL B 149 19.01 -2.47 6.82
C VAL B 149 18.25 -2.28 8.12
N LYS B 150 18.99 -2.15 9.22
CA LYS B 150 18.40 -2.12 10.55
C LYS B 150 18.55 -0.73 11.16
N ASP B 151 17.57 -0.39 12.00
CA ASP B 151 17.61 0.84 12.78
C ASP B 151 17.66 2.08 11.91
N TYR B 152 16.49 2.55 11.47
CA TYR B 152 16.38 3.83 10.80
C TYR B 152 15.00 4.41 11.06
N PHE B 153 14.92 5.74 10.99
CA PHE B 153 13.67 6.45 11.18
C PHE B 153 13.81 7.85 10.61
N PRO B 154 12.81 8.34 9.85
CA PRO B 154 11.57 7.67 9.45
C PRO B 154 11.77 6.82 8.21
N GLU B 155 10.68 6.37 7.61
CA GLU B 155 10.73 5.66 6.34
C GLU B 155 10.75 6.67 5.20
N PRO B 156 11.05 6.23 3.97
CA PRO B 156 11.47 4.88 3.57
C PRO B 156 12.95 4.82 3.24
N VAL B 157 13.46 3.65 2.87
CA VAL B 157 14.80 3.50 2.31
C VAL B 157 14.66 2.76 0.99
N THR B 158 15.59 3.01 0.07
CA THR B 158 15.59 2.39 -1.24
C THR B 158 16.90 1.62 -1.41
N VAL B 159 16.78 0.29 -1.39
CA VAL B 159 17.93 -0.60 -1.59
C VAL B 159 17.94 -1.04 -3.05
N SER B 160 19.15 -1.24 -3.57
CA SER B 160 19.36 -1.75 -4.92
C SER B 160 20.43 -2.83 -4.87
N TRP B 161 20.72 -3.44 -6.02
CA TRP B 161 21.73 -4.48 -6.12
C TRP B 161 22.53 -4.25 -7.39
N ASN B 162 23.79 -3.85 -7.22
CA ASN B 162 24.68 -3.57 -8.34
C ASN B 162 24.14 -2.44 -9.21
N SER B 163 23.50 -1.46 -8.56
CA SER B 163 22.98 -0.28 -9.23
C SER B 163 21.98 -0.62 -10.33
N GLY B 164 21.42 -1.83 -10.30
CA GLY B 164 20.44 -2.27 -11.27
C GLY B 164 20.89 -3.41 -12.16
N ALA B 165 22.15 -3.82 -12.11
CA ALA B 165 22.63 -4.94 -12.90
C ALA B 165 22.19 -6.29 -12.35
N LEU B 166 21.36 -6.29 -11.31
CA LEU B 166 20.86 -7.53 -10.72
C LEU B 166 19.49 -7.24 -10.13
N THR B 167 18.44 -7.63 -10.86
CA THR B 167 17.06 -7.53 -10.38
C THR B 167 16.35 -8.87 -10.33
N SER B 168 16.68 -9.80 -11.21
CA SER B 168 16.10 -11.14 -11.15
C SER B 168 16.37 -11.77 -9.79
N GLY B 169 15.30 -12.25 -9.16
CA GLY B 169 15.42 -12.94 -7.88
C GLY B 169 15.54 -12.04 -6.67
N VAL B 170 15.58 -10.72 -6.86
CA VAL B 170 15.65 -9.81 -5.72
C VAL B 170 14.29 -9.75 -5.04
N HIS B 171 14.30 -9.79 -3.71
CA HIS B 171 13.08 -9.69 -2.90
C HIS B 171 13.39 -8.82 -1.70
N THR B 172 12.87 -7.60 -1.71
CA THR B 172 13.10 -6.62 -0.64
C THR B 172 11.82 -6.48 0.18
N PHE B 173 11.90 -6.88 1.47
CA PHE B 173 10.70 -6.97 2.30
C PHE B 173 10.37 -5.62 2.92
N PRO B 174 9.08 -5.34 3.16
CA PRO B 174 8.70 -4.04 3.71
C PRO B 174 9.32 -3.81 5.08
N ALA B 175 9.40 -2.53 5.46
CA ALA B 175 9.94 -2.16 6.74
C ALA B 175 8.98 -2.55 7.87
N VAL B 176 9.54 -2.73 9.06
CA VAL B 176 8.78 -3.13 10.24
C VAL B 176 9.24 -2.28 11.42
N LEU B 177 8.28 -1.70 12.13
CA LEU B 177 8.59 -0.86 13.28
C LEU B 177 8.93 -1.76 14.47
N GLN B 178 10.14 -1.57 15.02
CA GLN B 178 10.60 -2.36 16.15
C GLN B 178 10.19 -1.71 17.47
N SER B 179 10.33 -2.48 18.55
CA SER B 179 9.94 -1.98 19.87
C SER B 179 10.62 -0.67 20.22
N SER B 180 11.70 -0.33 19.53
CA SER B 180 12.38 0.94 19.72
C SER B 180 11.87 2.03 18.79
N GLY B 181 10.67 1.86 18.23
CA GLY B 181 10.15 2.81 17.28
C GLY B 181 10.96 2.94 16.00
N LEU B 182 11.90 2.03 15.75
CA LEU B 182 12.78 2.10 14.61
C LEU B 182 12.37 1.06 13.57
N TYR B 183 12.61 1.39 12.30
CA TYR B 183 12.28 0.51 11.19
C TYR B 183 13.51 -0.31 10.82
N SER B 184 13.26 -1.51 10.31
CA SER B 184 14.34 -2.41 9.90
C SER B 184 13.78 -3.36 8.86
N LEU B 185 14.28 -3.27 7.62
CA LEU B 185 13.92 -4.18 6.55
C LEU B 185 15.16 -4.95 6.11
N SER B 186 14.96 -5.89 5.19
CA SER B 186 16.02 -6.70 4.65
C SER B 186 15.80 -6.90 3.16
N SER B 187 16.90 -6.83 2.40
CA SER B 187 16.88 -7.05 0.96
C SER B 187 17.78 -8.23 0.64
N VAL B 188 17.22 -9.25 0.00
CA VAL B 188 17.96 -10.46 -0.31
C VAL B 188 17.74 -10.80 -1.78
N VAL B 189 18.77 -11.40 -2.39
CA VAL B 189 18.74 -11.82 -3.78
C VAL B 189 19.27 -13.24 -3.86
N THR B 190 18.65 -14.05 -4.71
CA THR B 190 19.06 -15.43 -4.93
C THR B 190 19.95 -15.49 -6.17
N VAL B 191 21.16 -15.99 -6.00
CA VAL B 191 22.14 -16.05 -7.09
C VAL B 191 22.65 -17.48 -7.21
N PRO B 192 23.21 -17.85 -8.36
CA PRO B 192 23.79 -19.19 -8.50
C PRO B 192 24.79 -19.47 -7.39
N SER B 193 24.89 -20.74 -7.02
CA SER B 193 25.85 -21.13 -5.99
C SER B 193 27.29 -21.01 -6.48
N SER B 194 27.51 -21.18 -7.78
CA SER B 194 28.86 -21.08 -8.33
C SER B 194 29.29 -19.64 -8.53
N SER B 195 28.35 -18.74 -8.83
CA SER B 195 28.66 -17.32 -9.04
C SER B 195 28.86 -16.67 -7.67
N LEU B 196 30.08 -16.83 -7.14
CA LEU B 196 30.42 -16.29 -5.84
C LEU B 196 31.88 -15.84 -5.81
N GLY B 197 32.80 -16.81 -5.89
CA GLY B 197 34.21 -16.48 -6.06
C GLY B 197 34.54 -15.86 -7.40
N THR B 198 33.57 -15.83 -8.31
CA THR B 198 33.72 -15.21 -9.62
C THR B 198 33.05 -13.85 -9.70
N GLN B 199 31.79 -13.76 -9.29
CA GLN B 199 31.00 -12.56 -9.42
C GLN B 199 30.93 -11.81 -8.08
N THR B 200 30.68 -10.50 -8.17
CA THR B 200 30.64 -9.61 -7.02
C THR B 200 29.26 -8.98 -6.91
N TYR B 201 28.72 -8.96 -5.69
CA TYR B 201 27.37 -8.47 -5.43
C TYR B 201 27.42 -7.36 -4.38
N ILE B 202 26.83 -6.21 -4.71
CA ILE B 202 26.81 -5.05 -3.83
C ILE B 202 25.37 -4.58 -3.67
N CYS B 203 25.05 -4.06 -2.49
CA CYS B 203 23.73 -3.49 -2.19
C CYS B 203 23.91 -2.02 -1.85
N ASN B 204 23.59 -1.15 -2.81
CA ASN B 204 23.69 0.30 -2.62
C ASN B 204 22.37 0.82 -2.04
N VAL B 205 22.41 1.25 -0.79
CA VAL B 205 21.23 1.72 -0.08
C VAL B 205 21.19 3.24 -0.14
N ASN B 206 20.00 3.80 0.11
CA ASN B 206 19.82 5.24 0.07
C ASN B 206 18.71 5.62 1.04
N HIS B 207 18.92 6.74 1.75
CA HIS B 207 17.96 7.23 2.74
C HIS B 207 17.93 8.75 2.62
N LYS B 208 16.92 9.28 1.95
CA LYS B 208 16.83 10.71 1.67
C LYS B 208 16.63 11.51 2.96
N PRO B 209 15.81 11.03 3.92
CA PRO B 209 15.67 11.76 5.18
C PRO B 209 17.01 12.13 5.81
N SER B 210 17.79 11.12 6.22
CA SER B 210 19.11 11.36 6.77
C SER B 210 20.13 11.73 5.69
N ASN B 211 19.75 11.67 4.41
CA ASN B 211 20.63 11.98 3.30
C ASN B 211 21.90 11.14 3.38
N THR B 212 21.71 9.82 3.35
CA THR B 212 22.79 8.85 3.44
C THR B 212 22.76 7.92 2.24
N LYS B 213 23.85 7.20 2.06
CA LYS B 213 23.97 6.20 1.01
C LYS B 213 25.07 5.22 1.41
N VAL B 214 24.80 3.93 1.27
CA VAL B 214 25.73 2.89 1.71
C VAL B 214 25.78 1.81 0.64
N ASP B 215 26.96 1.56 0.09
CA ASP B 215 27.19 0.51 -0.89
C ASP B 215 28.01 -0.58 -0.21
N LYS B 216 27.31 -1.50 0.44
CA LYS B 216 27.96 -2.60 1.15
C LYS B 216 28.25 -3.75 0.18
N ARG B 217 29.46 -4.28 0.26
CA ARG B 217 29.83 -5.47 -0.50
C ARG B 217 29.47 -6.71 0.31
N VAL B 218 29.01 -7.74 -0.39
CA VAL B 218 28.61 -9.00 0.23
C VAL B 218 29.39 -10.12 -0.43
N GLU B 219 30.19 -10.84 0.36
CA GLU B 219 30.95 -11.98 -0.11
C GLU B 219 31.20 -12.92 1.06
N PRO B 220 31.26 -14.24 0.83
CA PRO B 220 31.35 -15.17 1.95
C PRO B 220 32.71 -15.16 2.64
N ALA B 221 32.86 -15.99 3.68
CA ALA B 221 34.10 -16.08 4.42
C ALA B 221 35.00 -17.17 3.84
N GLN C 1 -27.61 24.10 -11.34
CA GLN C 1 -28.85 23.37 -11.60
C GLN C 1 -28.66 22.37 -12.73
N CYS C 2 -29.63 21.46 -12.88
CA CYS C 2 -29.62 20.47 -13.94
C CYS C 2 -30.97 20.50 -14.64
N SER C 3 -31.10 19.69 -15.69
CA SER C 3 -32.32 19.59 -16.45
C SER C 3 -33.25 18.55 -15.83
N ALA C 4 -34.46 18.44 -16.39
CA ALA C 4 -35.38 17.40 -15.95
C ALA C 4 -34.94 16.01 -16.40
N ASN C 5 -33.97 15.92 -17.32
CA ASN C 5 -33.41 14.66 -17.76
C ASN C 5 -32.06 14.36 -17.12
N GLU C 6 -31.60 15.22 -16.21
CA GLU C 6 -30.30 15.08 -15.58
C GLU C 6 -30.45 15.10 -14.07
N TYR C 7 -29.52 14.44 -13.39
CA TYR C 7 -29.43 14.48 -11.94
C TYR C 7 -28.02 14.91 -11.55
N PHE C 8 -27.87 15.33 -10.30
CA PHE C 8 -26.63 15.92 -9.80
C PHE C 8 -25.90 14.90 -8.94
N ASP C 9 -24.82 14.34 -9.47
CA ASP C 9 -23.99 13.40 -8.72
C ASP C 9 -23.03 14.20 -7.83
N SER C 10 -23.16 14.02 -6.51
CA SER C 10 -22.35 14.80 -5.57
C SER C 10 -20.87 14.43 -5.62
N LEU C 11 -20.53 13.24 -6.12
CA LEU C 11 -19.12 12.86 -6.22
C LEU C 11 -18.44 13.63 -7.34
N LEU C 12 -18.93 13.45 -8.57
CA LEU C 12 -18.43 14.22 -9.70
C LEU C 12 -18.83 15.68 -9.63
N HIS C 13 -19.78 16.03 -8.76
CA HIS C 13 -20.26 17.40 -8.62
C HIS C 13 -20.65 17.98 -9.97
N ALA C 14 -21.42 17.20 -10.73
CA ALA C 14 -21.83 17.60 -12.07
C ALA C 14 -23.15 16.92 -12.42
N CYS C 15 -23.84 17.49 -13.41
CA CYS C 15 -25.12 16.95 -13.86
C CYS C 15 -24.87 15.74 -14.75
N ILE C 16 -25.48 14.61 -14.40
CA ILE C 16 -25.33 13.36 -15.13
C ILE C 16 -26.65 13.06 -15.84
N PRO C 17 -26.64 12.73 -17.13
CA PRO C 17 -27.90 12.42 -17.81
C PRO C 17 -28.61 11.24 -17.16
N CYS C 18 -29.93 11.20 -17.33
CA CYS C 18 -30.72 10.05 -16.90
C CYS C 18 -30.57 8.86 -17.84
N GLN C 19 -30.19 9.08 -19.10
CA GLN C 19 -30.05 7.99 -20.04
C GLN C 19 -29.05 6.96 -19.55
N LEU C 20 -28.06 7.38 -18.75
CA LEU C 20 -27.12 6.42 -18.18
C LEU C 20 -27.78 5.56 -17.11
N ARG C 21 -28.79 6.08 -16.42
CA ARG C 21 -29.49 5.34 -15.38
C ARG C 21 -30.73 4.62 -15.88
N CYS C 22 -31.19 4.92 -17.11
CA CYS C 22 -32.36 4.22 -17.62
C CYS C 22 -32.08 2.73 -17.80
N SER C 23 -30.84 2.37 -18.14
CA SER C 23 -30.46 0.97 -18.23
C SER C 23 -30.41 0.28 -16.87
N SER C 24 -30.49 1.03 -15.78
CA SER C 24 -30.47 0.47 -14.44
C SER C 24 -31.85 -0.06 -14.07
N ALA C 25 -31.97 -0.56 -12.84
CA ALA C 25 -33.26 -0.96 -12.28
C ALA C 25 -33.66 -0.11 -11.08
N THR C 26 -32.85 0.88 -10.71
CA THR C 26 -33.15 1.77 -9.59
C THR C 26 -32.54 3.15 -9.83
N PRO C 27 -32.93 3.83 -10.90
CA PRO C 27 -32.37 5.17 -11.18
C PRO C 27 -32.82 6.16 -10.12
N PRO C 28 -32.36 7.41 -10.21
CA PRO C 28 -32.84 8.44 -9.27
C PRO C 28 -34.34 8.64 -9.36
N ALA C 29 -34.88 9.56 -8.55
CA ALA C 29 -36.32 9.79 -8.56
C ALA C 29 -36.76 10.63 -9.75
N THR C 30 -35.95 11.63 -10.12
CA THR C 30 -36.35 12.56 -11.19
C THR C 30 -36.27 11.92 -12.57
N CYS C 31 -35.59 10.79 -12.72
CA CYS C 31 -35.49 10.13 -14.01
C CYS C 31 -36.70 9.26 -14.33
N ALA C 32 -37.68 9.19 -13.42
CA ALA C 32 -38.89 8.43 -13.72
C ALA C 32 -39.64 9.04 -14.90
N ALA C 33 -39.65 10.37 -14.99
CA ALA C 33 -40.32 11.03 -16.10
C ALA C 33 -39.57 10.83 -17.41
N TYR C 34 -38.25 10.65 -17.35
CA TYR C 34 -37.46 10.50 -18.57
C TYR C 34 -37.46 9.04 -19.05
N CYS C 35 -36.96 8.14 -18.21
CA CYS C 35 -36.88 6.73 -18.59
C CYS C 35 -38.27 6.11 -18.71
CU CU D . -22.39 8.93 11.69
CU CU E . 12.90 -15.25 -5.48
#